data_3HZ4
#
_entry.id   3HZ4
#
_cell.length_a   82.068
_cell.length_b   82.068
_cell.length_c   93.874
_cell.angle_alpha   90.00
_cell.angle_beta   90.00
_cell.angle_gamma   120.00
#
_symmetry.space_group_name_H-M   'P 32 2 1'
#
loop_
_entity.id
_entity.type
_entity.pdbx_description
1 polymer Thioredoxin
2 non-polymer 1,2-ETHANEDIOL
3 water water
#
_entity_poly.entity_id   1
_entity_poly.type   'polypeptide(L)'
_entity_poly.pdbx_seq_one_letter_code
;(MSE)SLNGSSIIEFED(MSE)TWSQQVEDSKKPVVV(MSE)FYSPACPYCKA(MSE)EPYFEEYAKEYGSSAVFGRINI
ATNPWTAEKYGVQGTPTFKFFCHGRPVWEQVGQIYPSILKNAVRD(MSE)LQHGEECIRKSTPVGQDITGYVEGHHHHHH
;
_entity_poly.pdbx_strand_id   A,B
#
loop_
_chem_comp.id
_chem_comp.type
_chem_comp.name
_chem_comp.formula
EDO non-polymer 1,2-ETHANEDIOL 'C2 H6 O2'
#
# COMPACT_ATOMS: atom_id res chain seq x y z
N ASN A 4 -14.67 15.65 -10.03
CA ASN A 4 -14.45 16.33 -11.36
C ASN A 4 -14.13 15.26 -12.41
N GLY A 5 -14.85 15.23 -13.53
CA GLY A 5 -14.44 14.40 -14.68
C GLY A 5 -13.71 15.29 -15.69
N SER A 6 -12.37 15.16 -15.97
CA SER A 6 -11.34 14.16 -15.47
C SER A 6 -11.60 12.62 -15.54
N SER A 7 -12.87 12.27 -15.80
CA SER A 7 -13.39 10.90 -15.67
C SER A 7 -13.00 10.18 -14.38
N ILE A 8 -12.98 10.91 -13.28
CA ILE A 8 -12.87 10.24 -12.02
C ILE A 8 -14.19 9.57 -11.62
N ILE A 9 -14.16 8.24 -11.53
CA ILE A 9 -15.27 7.45 -10.97
C ILE A 9 -15.47 7.63 -9.43
N GLU A 10 -16.71 7.71 -8.98
CA GLU A 10 -16.93 7.63 -7.56
C GLU A 10 -17.20 6.15 -7.27
N PHE A 11 -16.23 5.40 -6.80
CA PHE A 11 -16.52 4.00 -6.44
C PHE A 11 -17.30 3.90 -5.12
N GLU A 12 -17.97 2.79 -4.93
CA GLU A 12 -18.72 2.53 -3.70
C GLU A 12 -18.72 1.06 -3.34
N ASP A 13 -18.93 0.75 -2.07
CA ASP A 13 -18.95 -0.64 -1.63
C ASP A 13 -19.69 -1.64 -2.55
N MSE A 14 -20.89 -1.27 -2.97
CA MSE A 14 -21.69 -2.35 -3.53
C MSE A 14 -21.33 -2.81 -4.88
O MSE A 14 -21.57 -3.95 -5.18
CB MSE A 14 -23.16 -2.16 -3.40
CG MSE A 14 -23.76 -1.01 -4.07
SE MSE A 14 -25.74 -1.61 -3.91
CE MSE A 14 -25.96 -1.88 -1.77
N THR A 15 -20.70 -1.93 -5.67
CA THR A 15 -20.26 -2.32 -7.02
C THR A 15 -18.72 -2.31 -7.17
N TRP A 16 -17.99 -2.21 -6.05
CA TRP A 16 -16.53 -2.20 -6.06
C TRP A 16 -15.97 -3.42 -6.79
N SER A 17 -16.52 -4.55 -6.45
CA SER A 17 -15.97 -5.75 -7.04
C SER A 17 -16.06 -5.76 -8.59
N GLN A 18 -17.16 -5.30 -9.15
CA GLN A 18 -17.26 -5.19 -10.57
C GLN A 18 -16.33 -4.13 -11.14
N GLN A 19 -16.26 -2.97 -10.52
CA GLN A 19 -15.59 -1.81 -11.09
C GLN A 19 -14.08 -1.85 -10.93
N VAL A 20 -13.62 -2.51 -9.87
CA VAL A 20 -12.20 -2.55 -9.60
C VAL A 20 -11.61 -3.96 -9.85
N GLU A 21 -12.07 -4.96 -9.11
CA GLU A 21 -11.50 -6.27 -9.16
C GLU A 21 -11.70 -6.97 -10.48
N ASP A 22 -12.76 -6.65 -11.22
CA ASP A 22 -12.93 -7.24 -12.55
C ASP A 22 -12.48 -6.32 -13.64
N SER A 23 -11.81 -5.24 -13.31
CA SER A 23 -11.20 -4.37 -14.33
C SER A 23 -10.05 -5.00 -15.16
N LYS A 24 -10.02 -4.72 -16.45
CA LYS A 24 -8.99 -5.12 -17.41
C LYS A 24 -7.80 -4.23 -17.21
N LYS A 25 -8.09 -2.93 -17.33
CA LYS A 25 -7.16 -1.86 -17.10
C LYS A 25 -6.75 -1.74 -15.65
N PRO A 26 -5.52 -1.19 -15.41
CA PRO A 26 -5.10 -0.76 -14.09
C PRO A 26 -6.11 0.20 -13.50
N VAL A 27 -6.23 0.22 -12.18
CA VAL A 27 -7.09 1.18 -11.54
C VAL A 27 -6.32 1.94 -10.50
N VAL A 28 -6.42 3.26 -10.54
CA VAL A 28 -5.89 4.02 -9.44
C VAL A 28 -6.95 4.66 -8.55
N VAL A 29 -6.82 4.49 -7.24
CA VAL A 29 -7.87 4.87 -6.30
C VAL A 29 -7.33 5.78 -5.21
N MSE A 30 -8.03 6.86 -4.97
CA MSE A 30 -7.87 7.64 -3.81
C MSE A 30 -9.00 7.32 -2.80
O MSE A 30 -10.17 7.57 -3.06
CB MSE A 30 -7.92 9.13 -4.17
CG MSE A 30 -7.65 10.03 -3.05
SE MSE A 30 -7.81 11.93 -3.59
CE MSE A 30 -7.35 12.88 -1.97
N PHE A 31 -8.61 6.79 -1.62
CA PHE A 31 -9.47 6.70 -0.41
C PHE A 31 -9.40 8.02 0.27
N TYR A 32 -10.53 8.71 0.36
CA TYR A 32 -10.64 10.03 0.93
C TYR A 32 -11.77 10.13 1.96
N SER A 33 -11.75 11.24 2.68
CA SER A 33 -12.88 11.64 3.50
C SER A 33 -13.21 13.10 3.17
N PRO A 34 -14.51 13.45 3.07
CA PRO A 34 -14.86 14.87 2.71
C PRO A 34 -14.35 15.88 3.71
N ALA A 35 -14.18 15.44 4.93
CA ALA A 35 -13.73 16.23 6.06
C ALA A 35 -12.16 16.46 6.13
N CYS A 36 -11.41 15.76 5.27
CA CYS A 36 -9.96 15.62 5.48
C CYS A 36 -9.18 16.73 4.75
N PRO A 37 -8.48 17.61 5.50
CA PRO A 37 -7.75 18.68 4.83
C PRO A 37 -6.64 18.18 3.85
N TYR A 38 -6.18 16.94 4.05
CA TYR A 38 -4.98 16.39 3.37
C TYR A 38 -5.41 15.82 2.07
N CYS A 39 -6.59 15.23 2.09
CA CYS A 39 -7.28 14.87 0.88
C CYS A 39 -7.53 16.10 0.00
N LYS A 40 -8.07 17.18 0.58
CA LYS A 40 -8.36 18.42 -0.19
C LYS A 40 -7.05 18.97 -0.83
N ALA A 41 -5.96 18.94 -0.06
CA ALA A 41 -4.64 19.30 -0.58
C ALA A 41 -4.17 18.45 -1.77
N MSE A 42 -4.50 17.18 -1.78
CA MSE A 42 -4.04 16.28 -2.84
C MSE A 42 -4.94 16.29 -4.04
O MSE A 42 -4.51 15.95 -5.17
CB MSE A 42 -3.96 14.84 -2.30
CG MSE A 42 -2.92 14.67 -1.24
SE MSE A 42 -1.05 15.26 -1.87
CE MSE A 42 -0.82 14.20 -3.44
N GLU A 43 -6.21 16.66 -3.81
CA GLU A 43 -7.25 16.53 -4.82
C GLU A 43 -6.94 17.10 -6.24
N PRO A 44 -6.42 18.34 -6.34
CA PRO A 44 -6.06 18.91 -7.63
C PRO A 44 -5.06 18.05 -8.40
N TYR A 45 -4.08 17.48 -7.70
CA TYR A 45 -3.05 16.66 -8.34
C TYR A 45 -3.55 15.31 -8.73
N PHE A 46 -4.42 14.72 -7.90
CA PHE A 46 -5.08 13.46 -8.29
C PHE A 46 -5.83 13.68 -9.59
N GLU A 47 -6.58 14.79 -9.66
CA GLU A 47 -7.28 15.19 -10.91
C GLU A 47 -6.37 15.56 -12.08
N GLU A 48 -5.23 16.23 -11.85
CA GLU A 48 -4.32 16.45 -13.00
C GLU A 48 -3.72 15.15 -13.54
N TYR A 49 -3.32 14.26 -12.63
CA TYR A 49 -2.73 12.97 -13.07
C TYR A 49 -3.71 12.01 -13.67
N ALA A 50 -4.93 12.03 -13.14
CA ALA A 50 -6.04 11.29 -13.77
C ALA A 50 -6.27 11.71 -15.21
N LYS A 51 -6.26 13.03 -15.47
CA LYS A 51 -6.41 13.50 -16.84
C LYS A 51 -5.21 13.12 -17.63
N GLU A 52 -4.01 13.42 -17.14
CA GLU A 52 -2.80 13.04 -17.89
C GLU A 52 -2.75 11.56 -18.24
N TYR A 53 -3.12 10.66 -17.33
CA TYR A 53 -2.94 9.23 -17.61
C TYR A 53 -4.22 8.46 -17.91
N GLY A 54 -5.33 9.16 -18.18
CA GLY A 54 -6.65 8.53 -18.36
C GLY A 54 -6.70 7.41 -19.36
N SER A 55 -5.87 7.47 -20.41
CA SER A 55 -5.95 6.46 -21.45
C SER A 55 -5.30 5.14 -21.01
N SER A 56 -4.45 5.21 -19.99
CA SER A 56 -3.69 4.05 -19.51
C SER A 56 -4.32 3.35 -18.31
N ALA A 57 -5.10 4.08 -17.51
CA ALA A 57 -5.67 3.53 -16.27
C ALA A 57 -7.07 4.06 -16.03
N VAL A 58 -7.85 3.37 -15.18
CA VAL A 58 -9.05 3.98 -14.63
C VAL A 58 -8.63 4.76 -13.38
N PHE A 59 -9.21 5.93 -13.13
CA PHE A 59 -9.05 6.67 -11.88
C PHE A 59 -10.38 6.88 -11.15
N GLY A 60 -10.39 6.72 -9.82
CA GLY A 60 -11.62 6.81 -9.02
C GLY A 60 -11.26 7.19 -7.59
N ARG A 61 -12.27 7.58 -6.82
CA ARG A 61 -12.20 7.98 -5.42
C ARG A 61 -13.24 7.15 -4.70
N ILE A 62 -12.99 6.84 -3.44
CA ILE A 62 -13.98 6.18 -2.64
C ILE A 62 -13.97 6.88 -1.30
N ASN A 63 -15.18 7.28 -0.87
CA ASN A 63 -15.36 8.01 0.38
C ASN A 63 -15.35 7.02 1.53
N ILE A 64 -14.41 7.12 2.46
CA ILE A 64 -14.33 6.05 3.47
C ILE A 64 -15.27 6.26 4.66
N ALA A 65 -15.84 7.46 4.83
CA ALA A 65 -16.88 7.76 5.84
C ALA A 65 -18.10 6.91 5.56
N THR A 66 -18.31 6.63 4.29
CA THR A 66 -19.53 6.11 3.74
C THR A 66 -19.34 4.70 3.16
N ASN A 67 -18.09 4.29 2.97
CA ASN A 67 -17.78 3.04 2.40
C ASN A 67 -16.83 2.23 3.26
N PRO A 68 -17.29 1.85 4.47
CA PRO A 68 -16.37 1.17 5.35
C PRO A 68 -15.95 -0.20 4.82
N TRP A 69 -16.78 -0.91 4.05
CA TRP A 69 -16.42 -2.23 3.66
C TRP A 69 -15.17 -2.35 2.76
N THR A 70 -15.00 -1.45 1.78
CA THR A 70 -13.83 -1.53 0.96
C THR A 70 -12.57 -1.02 1.68
N ALA A 71 -12.69 0.03 2.49
CA ALA A 71 -11.61 0.45 3.40
C ALA A 71 -11.15 -0.72 4.26
N GLU A 72 -12.11 -1.53 4.74
CA GLU A 72 -11.80 -2.58 5.65
C GLU A 72 -11.07 -3.66 4.93
N LYS A 73 -11.59 -4.05 3.78
CA LYS A 73 -10.98 -5.01 2.86
C LYS A 73 -9.49 -4.76 2.52
N TYR A 74 -9.11 -3.50 2.42
CA TYR A 74 -7.75 -3.06 2.03
C TYR A 74 -6.97 -2.52 3.18
N GLY A 75 -7.53 -2.53 4.38
CA GLY A 75 -6.85 -2.04 5.58
C GLY A 75 -6.41 -0.60 5.56
N VAL A 76 -7.32 0.24 5.06
CA VAL A 76 -7.07 1.64 4.93
C VAL A 76 -7.39 2.20 6.29
N GLN A 77 -6.40 2.84 6.95
CA GLN A 77 -6.57 3.33 8.31
C GLN A 77 -6.55 4.84 8.38
N GLY A 78 -6.34 5.49 7.24
CA GLY A 78 -6.27 6.94 7.20
C GLY A 78 -6.33 7.45 5.79
N THR A 79 -6.47 8.77 5.69
CA THR A 79 -6.91 9.38 4.46
C THR A 79 -5.95 10.58 4.25
N PRO A 80 -5.45 10.84 3.00
CA PRO A 80 -5.78 10.08 1.82
C PRO A 80 -4.91 8.87 1.75
N THR A 81 -5.42 7.83 1.10
CA THR A 81 -4.61 6.67 0.82
C THR A 81 -4.80 6.44 -0.70
N PHE A 82 -3.66 6.34 -1.39
CA PHE A 82 -3.67 6.08 -2.82
C PHE A 82 -3.28 4.65 -2.98
N LYS A 83 -4.00 3.93 -3.84
CA LYS A 83 -3.75 2.55 -4.10
C LYS A 83 -3.82 2.25 -5.61
N PHE A 84 -2.95 1.36 -6.09
CA PHE A 84 -2.88 1.01 -7.52
C PHE A 84 -3.24 -0.46 -7.69
N PHE A 85 -4.18 -0.75 -8.58
CA PHE A 85 -4.67 -2.12 -8.76
C PHE A 85 -4.32 -2.68 -10.15
N CYS A 86 -3.92 -3.95 -10.20
CA CYS A 86 -3.53 -4.61 -11.41
C CYS A 86 -4.29 -5.87 -11.56
N HIS A 87 -4.88 -6.06 -12.72
CA HIS A 87 -5.92 -7.05 -12.78
C HIS A 87 -6.73 -6.85 -11.52
N GLY A 88 -7.05 -7.82 -10.70
CA GLY A 88 -7.94 -7.25 -9.61
C GLY A 88 -7.29 -6.77 -8.31
N ARG A 89 -5.96 -6.76 -8.27
CA ARG A 89 -5.20 -6.91 -7.03
C ARG A 89 -4.38 -5.71 -6.79
N PRO A 90 -4.25 -5.32 -5.52
CA PRO A 90 -3.43 -4.15 -5.11
C PRO A 90 -1.96 -4.42 -5.40
N VAL A 91 -1.22 -3.42 -5.86
CA VAL A 91 0.18 -3.58 -6.18
C VAL A 91 1.05 -2.57 -5.42
N TRP A 92 0.44 -1.47 -4.98
CA TRP A 92 1.19 -0.35 -4.41
C TRP A 92 0.20 0.46 -3.59
N GLU A 93 0.72 1.07 -2.51
CA GLU A 93 -0.02 2.02 -1.75
C GLU A 93 0.90 3.06 -1.14
N GLN A 94 0.36 4.27 -0.99
CA GLN A 94 1.03 5.30 -0.22
C GLN A 94 -0.02 6.08 0.54
N VAL A 95 0.27 6.38 1.80
CA VAL A 95 -0.60 7.11 2.68
C VAL A 95 -0.11 8.52 2.94
N GLY A 96 -1.04 9.49 3.06
CA GLY A 96 -0.62 10.83 3.38
C GLY A 96 -0.66 11.84 2.25
N GLN A 97 -0.66 13.11 2.69
CA GLN A 97 -0.30 14.21 1.82
C GLN A 97 1.20 14.02 1.49
N ILE A 98 1.47 13.82 0.21
CA ILE A 98 2.82 13.59 -0.30
C ILE A 98 3.07 14.67 -1.36
N TYR A 99 4.33 14.98 -1.67
CA TYR A 99 4.60 15.83 -2.83
C TYR A 99 3.98 15.20 -4.06
N PRO A 100 3.30 16.02 -4.88
CA PRO A 100 2.60 15.52 -6.08
C PRO A 100 3.49 14.62 -6.96
N SER A 101 4.78 14.95 -7.12
CA SER A 101 5.70 14.20 -8.01
C SER A 101 5.86 12.77 -7.55
N ILE A 102 5.77 12.55 -6.24
CA ILE A 102 5.85 11.20 -5.67
C ILE A 102 4.63 10.40 -6.19
N LEU A 103 3.44 10.97 -6.09
CA LEU A 103 2.24 10.36 -6.66
C LEU A 103 2.38 10.12 -8.17
N LYS A 104 2.84 11.16 -8.89
CA LYS A 104 2.92 11.10 -10.34
C LYS A 104 3.84 9.97 -10.75
N ASN A 105 5.00 9.89 -10.10
CA ASN A 105 6.03 8.90 -10.42
C ASN A 105 5.63 7.48 -10.07
N ALA A 106 4.89 7.31 -8.98
CA ALA A 106 4.45 5.98 -8.56
C ALA A 106 3.37 5.53 -9.56
N VAL A 107 2.54 6.46 -10.07
CA VAL A 107 1.62 6.06 -11.12
C VAL A 107 2.34 5.62 -12.39
N ARG A 108 3.28 6.43 -12.85
CA ARG A 108 4.09 6.07 -13.99
C ARG A 108 4.80 4.73 -13.78
N ASP A 109 5.53 4.60 -12.67
CA ASP A 109 6.19 3.31 -12.35
C ASP A 109 5.26 2.10 -12.37
N MSE A 110 4.08 2.23 -11.78
CA MSE A 110 3.15 1.08 -11.74
C MSE A 110 2.50 0.71 -13.10
O MSE A 110 2.27 -0.47 -13.41
CB MSE A 110 2.12 1.24 -10.61
CG MSE A 110 2.64 0.96 -9.20
SE MSE A 110 3.60 -0.79 -9.02
CE MSE A 110 5.52 -0.25 -9.41
N LEU A 111 2.26 1.74 -13.90
CA LEU A 111 1.89 1.60 -15.32
C LEU A 111 2.95 0.76 -16.07
N GLN A 112 4.24 1.02 -15.82
CA GLN A 112 5.30 0.25 -16.45
C GLN A 112 5.54 -1.13 -15.79
N HIS A 113 5.54 -1.21 -14.46
CA HIS A 113 5.95 -2.44 -13.75
C HIS A 113 4.81 -3.28 -13.20
N GLY A 114 3.65 -2.65 -12.99
CA GLY A 114 2.55 -3.21 -12.21
C GLY A 114 2.10 -4.61 -12.61
N GLU A 115 2.06 -4.87 -13.91
CA GLU A 115 1.66 -6.17 -14.41
C GLU A 115 2.66 -7.26 -14.05
N GLU A 116 3.94 -6.98 -14.23
CA GLU A 116 5.00 -7.86 -13.78
C GLU A 116 4.99 -8.08 -12.25
N CYS A 117 4.79 -7.03 -11.45
CA CYS A 117 4.66 -7.22 -10.01
C CYS A 117 3.60 -8.23 -9.69
N ILE A 118 2.43 -8.10 -10.29
CA ILE A 118 1.36 -9.06 -10.03
C ILE A 118 1.66 -10.49 -10.57
N ARG A 119 2.30 -10.61 -11.73
CA ARG A 119 2.69 -11.93 -12.28
C ARG A 119 3.67 -12.60 -11.35
N LYS A 120 4.53 -11.82 -10.71
CA LYS A 120 5.59 -12.31 -9.79
C LYS A 120 5.16 -12.17 -8.32
N SER A 121 3.94 -12.59 -8.08
CA SER A 121 3.43 -12.76 -6.72
C SER A 121 2.51 -14.00 -6.80
N THR A 122 2.37 -14.67 -5.67
CA THR A 122 1.37 -15.69 -5.47
C THR A 122 0.12 -15.20 -4.72
N PRO A 123 -1.10 -15.48 -5.23
CA PRO A 123 -2.36 -15.31 -4.48
C PRO A 123 -2.41 -16.09 -3.14
N SER B 7 19.27 -8.39 11.05
CA SER B 7 18.36 -9.59 11.12
C SER B 7 16.83 -9.35 11.35
N ILE B 8 16.05 -10.32 10.93
CA ILE B 8 14.65 -10.13 10.85
C ILE B 8 13.91 -10.85 11.99
N ILE B 9 12.78 -10.28 12.38
CA ILE B 9 11.89 -10.83 13.40
C ILE B 9 10.74 -11.55 12.76
N GLU B 10 10.42 -12.74 13.27
CA GLU B 10 9.19 -13.43 12.85
C GLU B 10 8.05 -12.81 13.64
N PHE B 11 7.04 -12.29 12.94
CA PHE B 11 5.85 -11.77 13.61
C PHE B 11 4.74 -12.82 13.53
N GLU B 12 3.74 -12.69 14.40
CA GLU B 12 2.61 -13.61 14.42
C GLU B 12 1.37 -12.84 14.77
N ASP B 13 0.20 -13.39 14.42
CA ASP B 13 -1.10 -12.79 14.79
C ASP B 13 -1.18 -12.44 16.25
N MSE B 14 -1.00 -13.45 17.10
CA MSE B 14 -1.18 -13.29 18.53
C MSE B 14 -0.36 -12.15 19.09
O MSE B 14 -0.80 -11.43 20.00
CB MSE B 14 -0.83 -14.60 19.19
CG MSE B 14 -1.83 -15.08 20.27
SE MSE B 14 -3.81 -15.09 19.81
CE MSE B 14 -4.03 -15.31 17.57
N THR B 15 0.86 -11.94 18.59
CA THR B 15 1.70 -10.89 19.21
C THR B 15 1.84 -9.58 18.39
N TRP B 16 1.16 -9.52 17.24
CA TRP B 16 1.28 -8.41 16.31
C TRP B 16 1.12 -7.03 16.96
N SER B 17 0.21 -6.91 17.93
CA SER B 17 -0.07 -5.64 18.56
C SER B 17 1.12 -5.11 19.29
N GLN B 18 1.97 -6.00 19.80
CA GLN B 18 3.15 -5.62 20.59
C GLN B 18 4.36 -5.42 19.69
N GLN B 19 4.57 -6.39 18.81
CA GLN B 19 5.72 -6.36 17.95
C GLN B 19 5.61 -5.33 16.86
N VAL B 20 4.41 -5.09 16.36
CA VAL B 20 4.29 -4.13 15.29
C VAL B 20 3.66 -2.82 15.80
N GLU B 21 2.42 -2.87 16.30
CA GLU B 21 1.64 -1.66 16.47
C GLU B 21 2.14 -0.80 17.60
N ASP B 22 2.65 -1.45 18.63
CA ASP B 22 3.26 -0.72 19.71
C ASP B 22 4.78 -0.39 19.53
N SER B 23 5.38 -0.66 18.36
CA SER B 23 6.80 -0.41 18.21
C SER B 23 6.95 1.09 18.16
N LYS B 24 8.00 1.61 18.82
CA LYS B 24 8.32 3.02 18.75
C LYS B 24 9.07 3.34 17.45
N LYS B 25 10.02 2.48 17.10
CA LYS B 25 10.72 2.51 15.82
C LYS B 25 9.73 2.11 14.72
N PRO B 26 9.89 2.64 13.47
CA PRO B 26 9.06 2.12 12.36
C PRO B 26 9.36 0.66 12.05
N VAL B 27 8.39 0.01 11.41
CA VAL B 27 8.45 -1.43 11.16
C VAL B 27 8.27 -1.73 9.68
N VAL B 28 9.16 -2.54 9.12
CA VAL B 28 9.00 -2.96 7.76
C VAL B 28 8.74 -4.42 7.74
N VAL B 29 7.59 -4.73 7.13
CA VAL B 29 7.08 -6.09 7.20
C VAL B 29 7.08 -6.70 5.79
N MSE B 30 7.61 -7.91 5.69
CA MSE B 30 7.44 -8.75 4.53
C MSE B 30 6.40 -9.86 4.79
O MSE B 30 6.66 -10.74 5.58
CB MSE B 30 8.76 -9.37 4.11
CG MSE B 30 8.57 -10.40 3.04
SE MSE B 30 10.29 -11.17 2.41
CE MSE B 30 9.71 -12.21 0.96
N PHE B 31 5.23 -9.79 4.11
CA PHE B 31 4.17 -10.79 4.19
C PHE B 31 4.49 -11.87 3.21
N TYR B 32 4.69 -13.12 3.65
CA TYR B 32 5.21 -14.19 2.81
C TYR B 32 4.45 -15.54 2.91
N SER B 33 4.69 -16.39 1.97
CA SER B 33 4.25 -17.76 2.15
C SER B 33 5.47 -18.66 1.91
N PRO B 34 5.63 -19.76 2.71
CA PRO B 34 6.81 -20.61 2.48
C PRO B 34 6.79 -21.29 1.12
N ALA B 35 5.62 -21.38 0.48
CA ALA B 35 5.57 -22.00 -0.82
C ALA B 35 5.68 -21.00 -1.95
N CYS B 36 6.20 -19.81 -1.71
CA CYS B 36 6.10 -18.84 -2.80
C CYS B 36 7.50 -18.55 -3.33
N PRO B 37 7.75 -18.82 -4.65
CA PRO B 37 9.09 -18.61 -5.23
C PRO B 37 9.49 -17.14 -5.33
N TYR B 38 8.49 -16.26 -5.30
CA TYR B 38 8.69 -14.79 -5.45
C TYR B 38 9.18 -14.26 -4.12
N CYS B 39 8.64 -14.82 -3.03
CA CYS B 39 9.15 -14.56 -1.68
C CYS B 39 10.55 -15.04 -1.51
N LYS B 40 10.82 -16.24 -2.01
CA LYS B 40 12.13 -16.83 -1.92
C LYS B 40 13.17 -15.94 -2.62
N ALA B 41 12.84 -15.47 -3.83
CA ALA B 41 13.70 -14.59 -4.64
C ALA B 41 13.97 -13.26 -3.92
N MSE B 42 13.01 -12.80 -3.13
CA MSE B 42 13.15 -11.49 -2.46
C MSE B 42 13.81 -11.52 -1.09
O MSE B 42 14.39 -10.52 -0.68
CB MSE B 42 11.77 -10.81 -2.42
CG MSE B 42 11.82 -9.30 -2.79
SE MSE B 42 12.42 -9.06 -4.64
CE MSE B 42 11.50 -10.58 -5.19
N GLU B 43 13.74 -12.67 -0.41
CA GLU B 43 14.33 -12.95 0.94
C GLU B 43 15.74 -12.37 1.18
N PRO B 44 16.73 -12.74 0.35
CA PRO B 44 18.06 -12.23 0.63
C PRO B 44 18.19 -10.72 0.63
N TYR B 45 17.44 -10.06 -0.26
CA TYR B 45 17.45 -8.61 -0.38
C TYR B 45 16.77 -7.96 0.82
N PHE B 46 15.58 -8.48 1.19
CA PHE B 46 14.90 -8.05 2.39
C PHE B 46 15.82 -8.18 3.57
N GLU B 47 16.53 -9.30 3.66
CA GLU B 47 17.46 -9.53 4.79
C GLU B 47 18.69 -8.60 4.80
N GLU B 48 19.21 -8.32 3.62
CA GLU B 48 20.30 -7.31 3.45
C GLU B 48 19.84 -5.90 3.88
N TYR B 49 18.64 -5.50 3.43
CA TYR B 49 18.05 -4.20 3.83
C TYR B 49 17.82 -4.15 5.33
N ALA B 50 17.47 -5.28 5.96
CA ALA B 50 17.27 -5.32 7.40
C ALA B 50 18.58 -5.07 8.12
N LYS B 51 19.63 -5.64 7.56
CA LYS B 51 20.97 -5.42 8.06
C LYS B 51 21.45 -3.95 7.82
N GLU B 52 21.27 -3.38 6.64
CA GLU B 52 21.72 -1.97 6.51
C GLU B 52 20.97 -0.99 7.41
N TYR B 53 19.68 -1.21 7.60
CA TYR B 53 18.91 -0.18 8.30
C TYR B 53 18.33 -0.64 9.61
N GLY B 54 18.87 -1.70 10.19
CA GLY B 54 18.52 -2.09 11.55
C GLY B 54 18.32 -1.04 12.63
N SER B 55 19.09 0.03 12.58
CA SER B 55 19.08 1.05 13.65
C SER B 55 18.03 2.10 13.41
N SER B 56 17.54 2.19 12.17
CA SER B 56 16.42 3.10 11.91
C SER B 56 15.02 2.43 12.11
N ALA B 57 14.95 1.12 11.91
CA ALA B 57 13.65 0.40 11.81
C ALA B 57 13.74 -1.08 12.17
N VAL B 58 12.61 -1.63 12.64
CA VAL B 58 12.54 -3.04 12.93
C VAL B 58 12.12 -3.68 11.63
N PHE B 59 12.74 -4.82 11.29
CA PHE B 59 12.45 -5.54 10.03
C PHE B 59 11.89 -6.93 10.38
N GLY B 60 10.76 -7.31 9.79
CA GLY B 60 10.16 -8.54 10.19
C GLY B 60 9.37 -9.14 9.10
N ARG B 61 8.84 -10.30 9.36
CA ARG B 61 8.11 -10.95 8.35
C ARG B 61 7.08 -11.82 9.00
N ILE B 62 6.01 -12.13 8.25
CA ILE B 62 4.90 -12.93 8.77
C ILE B 62 4.42 -13.84 7.71
N ASN B 63 4.35 -15.11 8.08
CA ASN B 63 3.80 -16.14 7.22
C ASN B 63 2.26 -15.99 7.18
N ILE B 64 1.71 -15.70 6.01
CA ILE B 64 0.25 -15.52 5.91
C ILE B 64 -0.62 -16.79 5.92
N ALA B 65 -0.05 -17.96 5.65
CA ALA B 65 -0.82 -19.21 5.63
C ALA B 65 -1.15 -19.57 7.05
N THR B 66 -0.33 -19.06 7.95
CA THR B 66 -0.39 -19.50 9.30
C THR B 66 -0.91 -18.36 10.16
N ASN B 67 -0.96 -17.17 9.57
CA ASN B 67 -1.41 -16.01 10.28
C ASN B 67 -2.48 -15.27 9.48
N PRO B 68 -3.69 -15.87 9.34
CA PRO B 68 -4.74 -15.24 8.46
C PRO B 68 -5.31 -13.90 8.94
N TRP B 69 -5.22 -13.63 10.22
CA TRP B 69 -5.84 -12.48 10.82
C TRP B 69 -5.16 -11.17 10.43
N THR B 70 -3.83 -11.10 10.53
CA THR B 70 -3.16 -9.87 10.10
C THR B 70 -3.18 -9.67 8.56
N ALA B 71 -3.15 -10.77 7.81
CA ALA B 71 -3.33 -10.74 6.37
C ALA B 71 -4.68 -10.12 5.95
N GLU B 72 -5.73 -10.47 6.69
CA GLU B 72 -7.08 -9.96 6.46
C GLU B 72 -7.09 -8.51 6.90
N LYS B 73 -6.45 -8.22 8.01
CA LYS B 73 -6.48 -6.90 8.58
C LYS B 73 -5.88 -5.85 7.64
N TYR B 74 -4.81 -6.25 6.93
CA TYR B 74 -4.13 -5.29 6.07
C TYR B 74 -4.47 -5.55 4.63
N GLY B 75 -5.39 -6.45 4.42
CA GLY B 75 -5.89 -6.73 3.11
C GLY B 75 -4.82 -7.21 2.15
N VAL B 76 -4.03 -8.19 2.58
CA VAL B 76 -2.95 -8.74 1.80
C VAL B 76 -3.48 -9.82 0.86
N GLN B 77 -3.26 -9.72 -0.47
CA GLN B 77 -3.87 -10.71 -1.38
C GLN B 77 -2.90 -11.48 -2.21
N GLY B 78 -1.62 -11.18 -1.96
CA GLY B 78 -0.60 -11.88 -2.64
C GLY B 78 0.67 -11.64 -1.89
N THR B 79 1.63 -12.44 -2.29
CA THR B 79 2.89 -12.66 -1.57
C THR B 79 4.05 -12.52 -2.60
N PRO B 80 5.14 -11.81 -2.29
CA PRO B 80 5.35 -11.04 -1.10
C PRO B 80 4.65 -9.68 -1.15
N THR B 81 4.23 -9.20 0.01
CA THR B 81 3.74 -7.87 0.10
C THR B 81 4.66 -7.24 1.13
N PHE B 82 5.20 -6.08 0.78
CA PHE B 82 6.04 -5.34 1.71
C PHE B 82 5.26 -4.17 2.18
N LYS B 83 5.24 -3.95 3.49
CA LYS B 83 4.59 -2.77 4.05
C LYS B 83 5.45 -2.07 5.08
N PHE B 84 5.24 -0.76 5.21
CA PHE B 84 5.92 0.09 6.17
C PHE B 84 4.90 0.62 7.14
N PHE B 85 5.19 0.51 8.43
CA PHE B 85 4.25 0.92 9.49
C PHE B 85 4.94 1.94 10.43
N CYS B 86 4.15 2.91 10.90
CA CYS B 86 4.51 3.98 11.82
C CYS B 86 3.51 3.91 12.95
N HIS B 87 3.96 3.41 14.10
CA HIS B 87 3.12 3.20 15.26
C HIS B 87 1.84 2.42 14.90
N GLY B 88 1.97 1.43 14.02
CA GLY B 88 0.85 0.60 13.67
C GLY B 88 0.03 1.07 12.49
N ARG B 89 0.30 2.27 11.98
CA ARG B 89 -0.41 2.81 10.80
C ARG B 89 0.39 2.45 9.56
N PRO B 90 -0.28 1.84 8.61
CA PRO B 90 0.41 1.50 7.39
C PRO B 90 0.66 2.83 6.67
N VAL B 91 1.83 2.97 6.03
CA VAL B 91 2.15 4.19 5.23
C VAL B 91 2.44 3.89 3.73
N TRP B 92 2.81 2.65 3.43
CA TRP B 92 3.33 2.34 2.10
C TRP B 92 3.23 0.86 1.93
N GLU B 93 3.03 0.41 0.69
CA GLU B 93 3.24 -0.99 0.38
C GLU B 93 3.64 -1.18 -1.06
N GLN B 94 4.25 -2.33 -1.35
CA GLN B 94 4.55 -2.75 -2.70
C GLN B 94 4.38 -4.25 -2.74
N VAL B 95 3.82 -4.78 -3.82
CA VAL B 95 3.57 -6.18 -3.98
C VAL B 95 4.45 -6.74 -5.08
N GLY B 96 4.97 -7.95 -4.84
CA GLY B 96 5.60 -8.73 -5.88
C GLY B 96 7.11 -8.83 -5.83
N GLN B 97 7.65 -9.78 -6.56
CA GLN B 97 9.08 -9.67 -6.85
C GLN B 97 9.31 -8.47 -7.79
N ILE B 98 10.28 -7.62 -7.45
CA ILE B 98 10.61 -6.39 -8.16
C ILE B 98 12.12 -6.33 -8.13
N TYR B 99 12.68 -5.47 -8.98
CA TYR B 99 14.10 -5.21 -9.01
C TYR B 99 14.32 -4.70 -7.62
N PRO B 100 15.28 -5.29 -6.89
CA PRO B 100 15.33 -5.01 -5.43
C PRO B 100 15.65 -3.59 -4.94
N SER B 101 16.41 -2.82 -5.69
CA SER B 101 16.68 -1.43 -5.34
C SER B 101 15.44 -0.52 -5.30
N ILE B 102 14.38 -0.93 -5.97
CA ILE B 102 13.11 -0.25 -5.90
C ILE B 102 12.54 -0.38 -4.51
N LEU B 103 12.65 -1.55 -3.92
CA LEU B 103 12.27 -1.74 -2.53
C LEU B 103 13.26 -1.01 -1.56
N LYS B 104 14.58 -1.03 -1.85
CA LYS B 104 15.51 -0.27 -1.02
C LYS B 104 15.15 1.22 -0.97
N ASN B 105 14.80 1.79 -2.12
CA ASN B 105 14.51 3.23 -2.19
C ASN B 105 13.25 3.69 -1.57
N ALA B 106 12.17 2.90 -1.72
CA ALA B 106 10.92 3.02 -0.95
C ALA B 106 11.17 2.95 0.56
N VAL B 107 11.96 1.98 1.01
CA VAL B 107 12.31 1.87 2.42
C VAL B 107 13.07 3.08 3.00
N ARG B 108 14.06 3.54 2.23
CA ARG B 108 14.88 4.71 2.56
C ARG B 108 14.00 5.94 2.63
N ASP B 109 13.12 6.08 1.65
CA ASP B 109 12.18 7.19 1.60
C ASP B 109 11.23 7.21 2.79
N MSE B 110 10.65 6.07 3.10
CA MSE B 110 9.77 5.94 4.26
C MSE B 110 10.50 6.10 5.59
O MSE B 110 9.96 6.70 6.49
CB MSE B 110 8.97 4.62 4.22
CG MSE B 110 7.85 4.64 3.19
SE MSE B 110 6.66 6.28 3.35
CE MSE B 110 7.40 7.49 1.89
N LEU B 111 11.74 5.60 5.70
CA LEU B 111 12.56 5.93 6.85
C LEU B 111 12.65 7.43 7.07
N GLN B 112 12.76 8.23 6.03
CA GLN B 112 12.85 9.63 6.38
C GLN B 112 11.48 10.37 6.32
N HIS B 113 10.50 9.82 5.59
CA HIS B 113 9.24 10.56 5.37
C HIS B 113 7.97 9.94 5.92
N GLY B 114 8.03 8.70 6.38
CA GLY B 114 6.83 7.97 6.81
C GLY B 114 6.05 8.65 7.94
N GLU B 115 6.78 9.05 8.98
CA GLU B 115 6.21 9.78 10.10
C GLU B 115 5.45 11.04 9.68
N GLU B 116 6.06 11.91 8.84
CA GLU B 116 5.30 13.08 8.39
C GLU B 116 4.13 12.72 7.47
N CYS B 117 4.24 11.63 6.73
CA CYS B 117 3.11 11.12 5.92
C CYS B 117 1.86 10.82 6.81
N ILE B 118 2.10 10.20 7.97
CA ILE B 118 1.02 9.75 8.83
C ILE B 118 0.46 10.97 9.55
N ARG B 119 1.34 11.88 9.85
CA ARG B 119 1.00 13.09 10.50
C ARG B 119 0.08 13.91 9.57
N LYS B 120 0.35 13.90 8.27
CA LYS B 120 -0.46 14.57 7.30
C LYS B 120 -1.44 13.61 6.72
N SER B 121 -2.24 13.03 7.59
CA SER B 121 -3.35 12.14 7.22
C SER B 121 -4.43 12.17 8.36
N THR B 122 -5.69 11.84 8.03
CA THR B 122 -6.79 11.84 9.01
C THR B 122 -7.18 10.38 9.26
N PRO B 123 -7.14 9.93 10.55
CA PRO B 123 -7.53 8.57 10.89
C PRO B 123 -8.95 8.28 10.41
N VAL B 124 -9.13 7.06 9.92
CA VAL B 124 -10.40 6.60 9.36
C VAL B 124 -11.63 6.78 10.32
N GLY B 125 -11.47 6.67 11.63
CA GLY B 125 -12.68 6.86 12.46
C GLY B 125 -13.13 8.29 12.77
N GLN B 126 -12.71 9.25 11.94
CA GLN B 126 -12.63 10.65 12.38
C GLN B 126 -12.46 11.64 11.22
C1 EDO C . -9.29 -15.03 8.76
O1 EDO C . -10.37 -14.14 9.14
C2 EDO C . -9.36 -16.34 9.56
O2 EDO C . -10.76 -16.70 9.66
C1 EDO D . -2.49 -6.36 -0.69
O1 EDO D . -2.05 -5.08 -0.27
C2 EDO D . -1.38 -6.78 -1.63
O2 EDO D . -1.09 -8.14 -1.52
C1 EDO E . 7.69 2.70 -4.95
O1 EDO E . 7.26 1.42 -4.44
C2 EDO E . 8.12 2.54 -6.41
O2 EDO E . 6.96 2.21 -7.19
#